data_6CWX
#
_entry.id   6CWX
#
_cell.length_a   182.190
_cell.length_b   182.190
_cell.length_c   182.190
_cell.angle_alpha   90.000
_cell.angle_beta   90.000
_cell.angle_gamma   90.000
#
_symmetry.space_group_name_H-M   'I 4 3 2'
#
loop_
_entity.id
_entity.type
_entity.pdbx_description
1 polymer 'Ribonuclease P protein subunit p20'
2 polymer 'Ribonuclease P protein subunit p25'
3 non-polymer 'FORMIC ACID'
4 non-polymer 'SULFATE ION'
5 water water
#
loop_
_entity_poly.entity_id
_entity_poly.type
_entity_poly.pdbx_seq_one_letter_code
_entity_poly.pdbx_strand_id
1 'polypeptide(L)'
;GHMAENREPRGAVEAELDPVEYTLRKRLPSRLPRRPNDIYVNMKTDFKAQLAR(CME)QKLLDGGARGQNA(CME)SEIY
IHGLGLAINRAINIALQLQAGSFGSLQVAANTSTVELVDELEPETDTREPLTRIRNNSAIHIRVFRVTPK
;
A
2 'polypeptide(L)'
;GHMENFRKVRSEEAPAGCGAEGGGPGSGPFADLAPGAVHMRVKEGSKIRNLMAFATASMAQPATRAIVFSG(CME)GRAT
TKTVTCAEILKRRLAGLHQVTRLRYRSVREVWQSLPPGPTQGQTPGEPAASLSVLKNVPGLAILLSKDALDPRQPGYQPP
NPHPGPSSPPAAPASKRSLGEPAAGEGSAKRSQPEPGVADEDQTA
;
B
#
loop_
_chem_comp.id
_chem_comp.type
_chem_comp.name
_chem_comp.formula
FMT non-polymer 'FORMIC ACID' 'C H2 O2'
SO4 non-polymer 'SULFATE ION' 'O4 S -2'
#
# COMPACT_ATOMS: atom_id res chain seq x y z
N ARG A 31 -5.50 -16.14 -10.66
CA ARG A 31 -5.89 -14.74 -11.01
C ARG A 31 -4.69 -13.79 -10.95
N LEU A 32 -3.88 -13.92 -9.89
CA LEU A 32 -2.66 -13.10 -9.71
C LEU A 32 -1.54 -13.49 -10.69
N PRO A 33 -0.67 -12.52 -11.05
CA PRO A 33 0.35 -12.77 -12.06
C PRO A 33 1.59 -13.47 -11.49
N ARG A 34 2.18 -14.36 -12.27
CA ARG A 34 3.34 -15.12 -11.83
C ARG A 34 4.44 -15.09 -12.87
N ARG A 35 4.82 -13.88 -13.26
CA ARG A 35 5.94 -13.68 -14.16
C ARG A 35 7.22 -13.79 -13.34
N PRO A 36 8.38 -13.92 -14.01
CA PRO A 36 9.62 -13.80 -13.24
C PRO A 36 9.77 -12.40 -12.62
N ASN A 37 9.08 -11.45 -13.23
CA ASN A 37 8.89 -10.07 -12.74
C ASN A 37 8.17 -9.94 -11.40
N ASP A 38 7.25 -10.87 -11.10
CA ASP A 38 6.39 -10.75 -9.91
C ASP A 38 6.98 -11.44 -8.69
N ILE A 39 7.22 -10.66 -7.65
CA ILE A 39 7.77 -11.16 -6.43
C ILE A 39 6.79 -10.94 -5.28
N TYR A 40 6.40 -12.02 -4.62
CA TYR A 40 5.58 -11.95 -3.41
C TYR A 40 6.53 -11.99 -2.25
N VAL A 41 6.70 -10.89 -1.54
CA VAL A 41 7.80 -10.78 -0.62
C VAL A 41 7.46 -11.45 0.70
N ASN A 42 8.42 -12.25 1.16
CA ASN A 42 8.32 -12.89 2.47
C ASN A 42 8.67 -11.85 3.54
N MET A 43 7.81 -11.71 4.53
CA MET A 43 8.06 -10.78 5.64
C MET A 43 9.15 -11.28 6.61
N LYS A 44 9.36 -12.60 6.65
CA LYS A 44 10.25 -13.22 7.62
C LYS A 44 11.76 -13.07 7.32
N THR A 45 12.14 -12.96 6.04
CA THR A 45 13.57 -12.95 5.66
C THR A 45 14.30 -11.69 6.15
N ASP A 46 15.62 -11.74 6.14
CA ASP A 46 16.45 -10.56 6.40
C ASP A 46 16.17 -9.46 5.34
N PHE A 47 16.00 -8.23 5.80
CA PHE A 47 15.68 -7.12 4.89
C PHE A 47 16.81 -6.83 3.90
N LYS A 48 18.01 -6.64 4.41
CA LYS A 48 19.16 -6.25 3.63
C LYS A 48 19.40 -7.24 2.48
N ALA A 49 19.27 -8.53 2.74
CA ALA A 49 19.52 -9.53 1.70
C ALA A 49 18.38 -9.52 0.69
N GLN A 50 17.16 -9.41 1.18
CA GLN A 50 16.01 -9.35 0.29
C GLN A 50 16.11 -8.16 -0.69
N LEU A 51 16.47 -6.99 -0.16
CA LEU A 51 16.70 -5.82 -0.96
C LEU A 51 17.74 -6.12 -2.02
N ALA A 52 18.83 -6.80 -1.62
CA ALA A 52 19.92 -7.09 -2.56
C ALA A 52 19.51 -8.07 -3.68
N ARG A 53 18.59 -8.98 -3.40
CA ARG A 53 18.04 -9.87 -4.44
C ARG A 53 17.18 -9.09 -5.44
N CME A 54 16.33 -8.20 -4.92
CA CME A 54 15.49 -7.35 -5.76
CB CME A 54 14.54 -6.48 -4.93
SG CME A 54 13.34 -7.39 -4.01
SD CME A 54 12.56 -8.55 -5.38
CE CME A 54 13.40 -10.12 -5.10
CZ CME A 54 13.33 -10.54 -3.63
OH CME A 54 13.56 -11.95 -3.47
C CME A 54 16.37 -6.49 -6.59
O CME A 54 16.16 -6.36 -7.79
N GLN A 55 17.39 -5.94 -5.97
CA GLN A 55 18.31 -5.07 -6.66
C GLN A 55 19.03 -5.79 -7.76
N LYS A 56 19.38 -7.05 -7.54
CA LYS A 56 20.06 -7.84 -8.56
C LYS A 56 19.18 -8.15 -9.75
N LEU A 57 17.91 -8.44 -9.51
CA LEU A 57 16.93 -8.51 -10.60
C LEU A 57 16.98 -7.28 -11.50
N LEU A 58 17.11 -6.09 -10.91
CA LEU A 58 17.09 -4.86 -11.70
C LEU A 58 18.45 -4.56 -12.37
N ASP A 59 19.50 -5.18 -11.88
CA ASP A 59 20.86 -4.95 -12.40
C ASP A 59 21.29 -5.99 -13.44
N GLY A 60 20.74 -7.20 -13.36
CA GLY A 60 21.20 -8.33 -14.15
C GLY A 60 22.46 -8.94 -13.57
N GLY A 61 23.18 -9.72 -14.39
CA GLY A 61 24.36 -10.48 -13.95
C GLY A 61 25.67 -9.72 -13.97
N GLN A 65 23.74 -10.68 -18.61
CA GLN A 65 22.89 -9.52 -18.32
C GLN A 65 21.49 -9.99 -17.91
N ASN A 66 20.51 -9.87 -18.80
CA ASN A 66 19.09 -10.17 -18.49
C ASN A 66 18.55 -9.26 -17.39
N ALA A 67 18.90 -7.98 -17.45
CA ALA A 67 18.40 -7.02 -16.48
C ALA A 67 16.91 -6.77 -16.71
N CME A 68 16.14 -6.75 -15.62
CA CME A 68 14.76 -6.37 -15.67
CB CME A 68 14.01 -6.91 -14.44
SG CME A 68 14.13 -8.66 -14.42
SD CME A 68 12.61 -9.26 -15.56
CE CME A 68 13.20 -9.45 -17.23
CZ CME A 68 14.57 -10.13 -17.37
OH CME A 68 14.61 -11.50 -16.92
C CME A 68 14.73 -4.86 -15.71
O CME A 68 15.39 -4.16 -14.87
N SER A 69 14.00 -4.31 -16.67
CA SER A 69 13.73 -2.89 -16.71
C SER A 69 12.66 -2.58 -15.66
N GLU A 70 11.88 -3.56 -15.26
CA GLU A 70 10.96 -3.37 -14.12
C GLU A 70 10.63 -4.62 -13.37
N ILE A 71 10.26 -4.45 -12.09
CA ILE A 71 9.72 -5.58 -11.28
C ILE A 71 8.49 -5.14 -10.54
N TYR A 72 7.72 -6.12 -10.11
CA TYR A 72 6.49 -5.89 -9.39
C TYR A 72 6.66 -6.56 -8.04
N ILE A 73 6.52 -5.76 -6.98
CA ILE A 73 6.67 -6.26 -5.63
C ILE A 73 5.31 -6.33 -4.97
N HIS A 74 4.92 -7.55 -4.61
CA HIS A 74 3.63 -7.79 -4.01
C HIS A 74 3.73 -8.12 -2.50
N GLY A 75 2.94 -7.43 -1.70
CA GLY A 75 2.87 -7.68 -0.27
C GLY A 75 1.44 -8.02 0.13
N LEU A 76 1.28 -9.16 0.79
CA LEU A 76 0.01 -9.67 1.28
C LEU A 76 -0.09 -9.54 2.78
N GLY A 77 -1.21 -9.01 3.24
CA GLY A 77 -1.46 -8.83 4.63
C GLY A 77 -0.45 -7.99 5.38
N LEU A 78 0.23 -8.65 6.33
CA LEU A 78 1.19 -7.96 7.19
C LEU A 78 2.53 -7.71 6.49
N ALA A 79 2.72 -8.33 5.33
CA ALA A 79 3.87 -8.07 4.51
C ALA A 79 3.77 -6.78 3.61
N ILE A 80 2.70 -6.03 3.76
CA ILE A 80 2.52 -4.76 3.01
C ILE A 80 3.60 -3.71 3.32
N ASN A 81 3.91 -3.50 4.59
CA ASN A 81 4.99 -2.58 4.97
C ASN A 81 6.35 -3.02 4.36
N ARG A 82 6.65 -4.29 4.41
CA ARG A 82 7.90 -4.78 3.81
C ARG A 82 7.98 -4.50 2.31
N ALA A 83 6.88 -4.68 1.61
CA ALA A 83 6.87 -4.42 0.16
C ALA A 83 7.14 -2.93 -0.11
N ILE A 84 6.51 -2.09 0.69
CA ILE A 84 6.68 -0.68 0.58
C ILE A 84 8.12 -0.33 0.86
N ASN A 85 8.65 -0.81 1.98
CA ASN A 85 10.02 -0.53 2.39
C ASN A 85 10.99 -0.98 1.30
N ILE A 86 10.78 -2.15 0.72
CA ILE A 86 11.67 -2.62 -0.34
C ILE A 86 11.64 -1.67 -1.54
N ALA A 87 10.44 -1.28 -1.96
CA ALA A 87 10.28 -0.42 -3.13
C ALA A 87 10.91 0.95 -2.91
N LEU A 88 10.58 1.60 -1.79
CA LEU A 88 11.10 2.92 -1.52
C LEU A 88 12.63 2.95 -1.36
N GLN A 89 13.20 1.88 -0.81
CA GLN A 89 14.68 1.77 -0.66
C GLN A 89 15.36 1.53 -2.02
N LEU A 90 14.80 0.66 -2.85
CA LEU A 90 15.25 0.54 -4.24
C LEU A 90 15.23 1.92 -4.94
N GLN A 91 14.12 2.65 -4.78
CA GLN A 91 14.02 3.97 -5.36
C GLN A 91 15.12 4.85 -4.82
N ALA A 92 15.30 4.86 -3.51
CA ALA A 92 16.25 5.82 -2.90
C ALA A 92 17.69 5.59 -3.28
N GLY A 93 18.08 4.33 -3.49
CA GLY A 93 19.45 4.01 -3.87
C GLY A 93 19.71 4.02 -5.35
N SER A 94 18.74 4.46 -6.17
CA SER A 94 18.85 4.36 -7.64
C SER A 94 19.40 5.58 -8.34
N PHE A 95 19.74 6.59 -7.59
CA PHE A 95 20.25 7.85 -8.15
C PHE A 95 19.26 8.37 -9.19
N GLY A 96 17.98 8.38 -8.85
CA GLY A 96 16.95 8.92 -9.74
C GLY A 96 16.56 8.05 -10.93
N SER A 97 17.10 6.84 -11.02
CA SER A 97 16.87 5.94 -12.17
C SER A 97 15.73 4.94 -11.96
N LEU A 98 15.21 4.82 -10.74
CA LEU A 98 14.01 4.00 -10.52
C LEU A 98 12.89 4.84 -9.94
N GLN A 99 11.65 4.52 -10.33
CA GLN A 99 10.46 5.12 -9.73
C GLN A 99 9.54 4.00 -9.28
N VAL A 100 8.62 4.30 -8.37
CA VAL A 100 7.68 3.31 -7.87
C VAL A 100 6.24 3.80 -7.91
N ALA A 101 5.31 2.87 -8.05
CA ALA A 101 3.89 3.19 -8.08
C ALA A 101 3.12 2.02 -7.55
N ALA A 102 2.19 2.29 -6.65
CA ALA A 102 1.47 1.24 -5.96
C ALA A 102 0.02 1.19 -6.36
N ASN A 103 -0.53 -0.02 -6.32
CA ASN A 103 -1.97 -0.25 -6.42
C ASN A 103 -2.34 -1.19 -5.23
N THR A 104 -3.62 -1.28 -4.88
CA THR A 104 -4.06 -2.22 -3.85
C THR A 104 -5.11 -3.17 -4.41
N SER A 105 -5.31 -4.28 -3.69
CA SER A 105 -6.41 -5.20 -3.98
C SER A 105 -6.75 -6.03 -2.75
N THR A 106 -7.72 -6.92 -2.92
CA THR A 106 -8.08 -7.94 -1.91
C THR A 106 -7.84 -9.30 -2.55
N VAL A 107 -7.14 -10.17 -1.83
CA VAL A 107 -6.78 -11.49 -2.33
C VAL A 107 -7.44 -12.55 -1.50
N GLU A 108 -8.05 -13.53 -2.15
CA GLU A 108 -8.64 -14.64 -1.46
C GLU A 108 -7.67 -15.80 -1.36
N LEU A 109 -7.31 -16.17 -0.13
CA LEU A 109 -6.47 -17.33 0.14
C LEU A 109 -7.29 -18.53 0.63
N VAL A 110 -7.11 -19.67 -0.01
CA VAL A 110 -7.85 -20.91 0.30
C VAL A 110 -6.89 -22.02 0.73
N ASP A 111 -7.22 -22.73 1.80
CA ASP A 111 -6.49 -23.97 2.16
C ASP A 111 -7.38 -24.97 2.92
N GLU A 112 -7.11 -26.26 2.75
CA GLU A 112 -7.90 -27.31 3.43
C GLU A 112 -7.51 -27.50 4.88
N LEU A 113 -8.50 -27.72 5.74
CA LEU A 113 -8.25 -28.13 7.13
C LEU A 113 -8.49 -29.63 7.34
N GLU A 114 -9.54 -30.14 6.71
CA GLU A 114 -9.85 -31.58 6.75
C GLU A 114 -10.21 -32.02 5.34
N PRO A 115 -9.72 -33.21 4.94
CA PRO A 115 -9.96 -33.75 3.59
C PRO A 115 -11.45 -34.03 3.29
N GLU A 116 -11.75 -34.28 2.01
CA GLU A 116 -13.11 -34.59 1.57
C GLU A 116 -13.52 -36.03 1.97
N GLU A 121 -18.71 -31.71 2.12
CA GLU A 121 -17.92 -32.71 2.86
C GLU A 121 -16.54 -32.16 3.31
N PRO A 122 -15.73 -31.62 2.36
CA PRO A 122 -14.41 -31.09 2.75
C PRO A 122 -14.49 -29.77 3.52
N LEU A 123 -13.58 -29.58 4.47
CA LEU A 123 -13.54 -28.39 5.31
C LEU A 123 -12.40 -27.47 4.88
N THR A 124 -12.74 -26.40 4.17
CA THR A 124 -11.76 -25.48 3.60
C THR A 124 -11.79 -24.11 4.26
N ARG A 125 -10.63 -23.68 4.73
CA ARG A 125 -10.44 -22.36 5.32
C ARG A 125 -10.31 -21.33 4.19
N ILE A 126 -11.05 -20.23 4.31
CA ILE A 126 -11.02 -19.19 3.29
C ILE A 126 -10.74 -17.88 3.97
N ARG A 127 -9.67 -17.20 3.56
CA ARG A 127 -9.25 -15.89 4.12
C ARG A 127 -9.16 -14.82 3.04
N ASN A 128 -9.71 -13.66 3.33
CA ASN A 128 -9.49 -12.47 2.50
C ASN A 128 -8.40 -11.59 3.12
N ASN A 129 -7.39 -11.23 2.32
CA ASN A 129 -6.29 -10.36 2.78
C ASN A 129 -6.16 -9.12 1.93
N SER A 130 -5.93 -7.98 2.55
CA SER A 130 -5.49 -6.81 1.80
C SER A 130 -4.14 -7.08 1.18
N ALA A 131 -3.86 -6.42 0.06
CA ALA A 131 -2.59 -6.57 -0.64
C ALA A 131 -2.19 -5.27 -1.33
N ILE A 132 -0.88 -5.15 -1.54
CA ILE A 132 -0.31 -4.04 -2.25
C ILE A 132 0.52 -4.61 -3.38
N HIS A 133 0.57 -3.86 -4.48
CA HIS A 133 1.22 -4.29 -5.72
C HIS A 133 2.00 -3.08 -6.23
N ILE A 134 3.32 -3.16 -6.21
CA ILE A 134 4.14 -1.99 -6.41
C ILE A 134 5.04 -2.18 -7.61
N ARG A 135 4.82 -1.38 -8.65
CA ARG A 135 5.68 -1.39 -9.84
C ARG A 135 6.95 -0.59 -9.49
N VAL A 136 8.12 -1.18 -9.79
CA VAL A 136 9.42 -0.53 -9.63
C VAL A 136 10.08 -0.54 -10.99
N PHE A 137 10.26 0.64 -11.59
CA PHE A 137 10.62 0.71 -13.00
C PHE A 137 11.68 1.74 -13.27
N ARG A 138 12.47 1.43 -14.29
CA ARG A 138 13.58 2.26 -14.71
C ARG A 138 13.06 3.50 -15.46
N VAL A 139 13.62 4.64 -15.15
CA VAL A 139 13.29 5.88 -15.76
C VAL A 139 14.56 6.65 -16.09
N THR A 140 14.40 7.70 -16.87
CA THR A 140 15.46 8.65 -17.17
C THR A 140 15.51 9.72 -16.07
N PRO A 141 16.60 9.76 -15.30
CA PRO A 141 16.68 10.66 -14.15
C PRO A 141 16.29 12.13 -14.46
N LYS A 142 15.39 12.68 -13.63
CA LYS A 142 14.87 14.06 -13.78
C LYS A 142 14.27 14.37 -15.18
N GLY B 24 -2.35 23.21 11.25
CA GLY B 24 -1.14 23.16 12.10
C GLY B 24 -0.03 22.36 11.45
N PRO B 25 -0.28 21.06 11.23
CA PRO B 25 0.70 20.17 10.59
C PRO B 25 0.74 20.28 9.05
N GLY B 26 0.23 21.40 8.50
CA GLY B 26 0.09 21.59 7.06
C GLY B 26 -1.26 21.10 6.53
N SER B 27 -1.38 21.04 5.21
CA SER B 27 -2.58 20.45 4.60
C SER B 27 -2.40 18.94 4.57
N GLY B 28 -3.49 18.24 4.32
CA GLY B 28 -3.45 16.81 4.46
C GLY B 28 -2.83 16.16 3.25
N PRO B 29 -2.79 14.84 3.24
CA PRO B 29 -2.42 14.21 1.99
C PRO B 29 -3.51 14.50 0.93
N PHE B 30 -3.11 14.55 -0.32
CA PHE B 30 -4.04 14.80 -1.42
C PHE B 30 -4.69 16.19 -1.48
N ALA B 31 -4.09 17.16 -0.81
CA ALA B 31 -4.63 18.50 -0.83
C ALA B 31 -4.50 19.10 -2.27
N ASP B 32 -3.47 18.63 -2.98
CA ASP B 32 -3.29 18.91 -4.39
C ASP B 32 -4.40 18.35 -5.33
N LEU B 33 -5.01 17.22 -4.96
CA LEU B 33 -6.01 16.57 -5.81
C LEU B 33 -7.42 16.72 -5.31
N ALA B 34 -7.61 16.70 -4.00
CA ALA B 34 -8.95 16.70 -3.41
C ALA B 34 -8.91 17.34 -2.00
N PRO B 35 -8.78 18.66 -1.95
CA PRO B 35 -8.62 19.34 -0.68
C PRO B 35 -9.83 19.25 0.20
N GLY B 36 -11.01 19.10 -0.40
CA GLY B 36 -12.26 18.99 0.34
C GLY B 36 -12.58 17.60 0.84
N ALA B 37 -11.70 16.64 0.61
CA ALA B 37 -11.91 15.28 1.06
C ALA B 37 -11.78 15.15 2.58
N VAL B 38 -12.58 14.26 3.14
CA VAL B 38 -12.48 13.94 4.55
C VAL B 38 -11.26 13.02 4.70
N HIS B 39 -10.44 13.30 5.71
CA HIS B 39 -9.25 12.52 5.96
C HIS B 39 -9.43 11.74 7.24
N MET B 40 -9.34 10.43 7.13
CA MET B 40 -9.37 9.53 8.27
C MET B 40 -8.01 8.88 8.47
N ARG B 41 -7.37 9.22 9.60
CA ARG B 41 -6.16 8.56 10.05
C ARG B 41 -6.53 7.20 10.65
N VAL B 42 -5.90 6.15 10.16
CA VAL B 42 -6.10 4.81 10.69
C VAL B 42 -4.93 4.45 11.61
N LYS B 43 -5.24 4.14 12.85
CA LYS B 43 -4.24 3.80 13.86
C LYS B 43 -4.46 2.37 14.33
N GLU B 44 -3.51 1.84 15.08
CA GLU B 44 -3.67 0.50 15.67
C GLU B 44 -4.92 0.41 16.54
N GLY B 45 -5.23 1.50 17.28
CA GLY B 45 -6.44 1.56 18.11
C GLY B 45 -7.79 1.67 17.39
N SER B 46 -7.76 1.95 16.08
CA SER B 46 -8.97 2.18 15.29
C SER B 46 -9.77 0.90 15.09
N LYS B 47 -11.08 1.04 15.05
CA LYS B 47 -11.98 -0.08 14.85
C LYS B 47 -12.63 0.03 13.50
N ILE B 48 -12.34 -0.92 12.64
CA ILE B 48 -12.73 -0.88 11.24
C ILE B 48 -14.23 -0.66 11.07
N ARG B 49 -15.07 -1.41 11.77
CA ARG B 49 -16.52 -1.37 11.49
C ARG B 49 -17.08 0.00 11.84
N ASN B 50 -16.47 0.60 12.83
CA ASN B 50 -16.81 1.91 13.33
C ASN B 50 -16.27 3.01 12.40
N LEU B 51 -15.01 2.86 12.02
CA LEU B 51 -14.37 3.78 11.08
C LEU B 51 -15.12 3.78 9.74
N MET B 52 -15.56 2.61 9.29
CA MET B 52 -16.23 2.43 8.00
C MET B 52 -17.65 2.90 8.00
N ALA B 53 -18.26 2.84 9.17
CA ALA B 53 -19.61 3.31 9.36
C ALA B 53 -19.63 4.80 9.04
N PHE B 54 -18.70 5.53 9.65
CA PHE B 54 -18.60 6.95 9.39
C PHE B 54 -18.24 7.28 7.91
N ALA B 55 -17.27 6.53 7.37
CA ALA B 55 -16.81 6.71 6.00
C ALA B 55 -17.90 6.46 4.96
N THR B 56 -18.68 5.42 5.14
CA THR B 56 -19.79 5.10 4.21
C THR B 56 -20.93 6.11 4.30
N ALA B 57 -21.24 6.56 5.52
CA ALA B 57 -22.23 7.60 5.77
C ALA B 57 -21.78 8.90 5.13
N SER B 58 -20.52 9.29 5.36
CA SER B 58 -19.91 10.45 4.69
C SER B 58 -20.07 10.33 3.21
N MET B 59 -19.62 9.22 2.63
CA MET B 59 -19.63 9.09 1.19
C MET B 59 -21.02 8.87 0.58
N ALA B 60 -22.02 8.53 1.41
CA ALA B 60 -23.41 8.43 0.97
C ALA B 60 -23.98 9.80 0.57
N GLN B 61 -23.51 10.86 1.22
CA GLN B 61 -23.92 12.22 0.89
C GLN B 61 -23.43 12.64 -0.50
N PRO B 62 -24.21 13.47 -1.21
CA PRO B 62 -23.73 13.93 -2.53
C PRO B 62 -22.64 15.01 -2.44
N ALA B 63 -22.60 15.73 -1.32
CA ALA B 63 -21.62 16.83 -1.11
C ALA B 63 -20.20 16.29 -0.88
N THR B 64 -20.11 15.11 -0.29
CA THR B 64 -18.83 14.46 -0.13
C THR B 64 -18.45 13.81 -1.47
N ARG B 65 -17.35 14.27 -2.07
CA ARG B 65 -16.90 13.73 -3.35
C ARG B 65 -15.74 12.74 -3.20
N ALA B 66 -15.05 12.77 -2.06
CA ALA B 66 -13.89 11.94 -1.89
C ALA B 66 -13.54 11.83 -0.44
N ILE B 67 -12.72 10.82 -0.15
CA ILE B 67 -12.27 10.51 1.19
C ILE B 67 -10.83 10.00 1.12
N VAL B 68 -10.06 10.25 2.18
CA VAL B 68 -8.70 9.74 2.31
C VAL B 68 -8.53 8.87 3.54
N PHE B 69 -7.84 7.74 3.38
CA PHE B 69 -7.39 6.92 4.52
C PHE B 69 -5.89 6.95 4.53
N SER B 70 -5.28 7.14 5.70
CA SER B 70 -3.83 7.08 5.83
C SER B 70 -3.40 6.34 7.08
N GLY B 71 -2.19 5.78 7.05
CA GLY B 71 -1.69 5.16 8.21
C GLY B 71 -0.32 4.70 7.95
N CME B 72 0.39 4.31 9.02
CA CME B 72 1.75 3.80 8.90
CB CME B 72 2.74 4.93 9.10
SG CME B 72 2.37 5.75 10.61
SD CME B 72 3.36 4.82 12.13
CE CME B 72 4.21 6.17 12.88
CZ CME B 72 3.33 7.11 13.72
OH CME B 72 3.60 8.46 13.31
C CME B 72 1.98 2.76 9.95
O CME B 72 1.15 2.55 10.86
N GLY B 73 3.10 2.07 9.80
CA GLY B 73 3.52 1.04 10.73
C GLY B 73 2.54 -0.07 10.97
N ARG B 74 2.13 -0.22 12.23
CA ARG B 74 1.24 -1.32 12.62
C ARG B 74 -0.18 -1.12 12.14
N ALA B 75 -0.48 0.04 11.55
CA ALA B 75 -1.78 0.28 10.93
C ALA B 75 -1.81 0.33 9.37
N THR B 76 -0.69 0.04 8.72
CA THR B 76 -0.64 0.13 7.26
C THR B 76 -1.60 -0.85 6.60
N THR B 77 -1.48 -2.11 6.98
CA THR B 77 -2.42 -3.11 6.46
C THR B 77 -3.89 -2.76 6.72
N LYS B 78 -4.18 -2.30 7.93
CA LYS B 78 -5.57 -1.90 8.26
C LYS B 78 -6.09 -0.74 7.37
N THR B 79 -5.20 0.19 7.06
CA THR B 79 -5.54 1.28 6.17
C THR B 79 -5.98 0.79 4.79
N VAL B 80 -5.26 -0.19 4.28
CA VAL B 80 -5.58 -0.77 2.98
C VAL B 80 -6.93 -1.48 3.05
N THR B 81 -7.16 -2.23 4.13
CA THR B 81 -8.42 -2.95 4.33
C THR B 81 -9.62 -2.02 4.34
N CYS B 82 -9.48 -0.89 5.05
CA CYS B 82 -10.50 0.16 5.08
C CYS B 82 -10.83 0.66 3.67
N ALA B 83 -9.79 0.93 2.87
CA ALA B 83 -9.99 1.38 1.49
C ALA B 83 -10.72 0.32 0.69
N GLU B 84 -10.26 -0.92 0.83
CA GLU B 84 -10.83 -2.05 0.08
C GLU B 84 -12.28 -2.33 0.43
N ILE B 85 -12.64 -2.14 1.71
CA ILE B 85 -14.01 -2.31 2.15
C ILE B 85 -14.90 -1.25 1.55
N LEU B 86 -14.44 0.00 1.57
CA LEU B 86 -15.24 1.02 0.97
C LEU B 86 -15.43 0.78 -0.55
N LYS B 87 -14.41 0.32 -1.26
CA LYS B 87 -14.59 0.06 -2.69
C LYS B 87 -15.63 -1.01 -2.98
N ARG B 88 -15.82 -1.95 -2.05
CA ARG B 88 -16.91 -2.96 -2.14
C ARG B 88 -18.28 -2.42 -1.75
N ARG B 89 -18.33 -1.47 -0.83
CA ARG B 89 -19.59 -0.86 -0.43
C ARG B 89 -20.05 0.24 -1.36
N LEU B 90 -19.12 0.84 -2.10
CA LEU B 90 -19.43 1.84 -3.15
C LEU B 90 -18.63 1.60 -4.42
N ALA B 91 -19.23 0.93 -5.40
CA ALA B 91 -18.55 0.68 -6.67
C ALA B 91 -18.54 1.94 -7.54
N GLY B 92 -17.50 2.07 -8.37
CA GLY B 92 -17.28 3.27 -9.19
C GLY B 92 -16.28 4.30 -8.65
N LEU B 93 -15.58 4.00 -7.56
CA LEU B 93 -14.62 4.98 -7.01
C LEU B 93 -13.26 4.93 -7.70
N HIS B 94 -12.69 6.10 -7.97
CA HIS B 94 -11.34 6.22 -8.56
C HIS B 94 -10.35 6.24 -7.41
N GLN B 95 -9.20 5.63 -7.58
CA GLN B 95 -8.26 5.50 -6.47
C GLN B 95 -6.86 5.99 -6.82
N VAL B 96 -6.24 6.69 -5.88
CA VAL B 96 -4.79 6.96 -5.93
C VAL B 96 -4.15 6.52 -4.59
N THR B 97 -3.07 5.75 -4.68
CA THR B 97 -2.31 5.33 -3.52
C THR B 97 -0.93 6.01 -3.57
N ARG B 98 -0.55 6.63 -2.46
CA ARG B 98 0.75 7.25 -2.34
C ARG B 98 1.52 6.64 -1.19
N LEU B 99 2.77 6.23 -1.47
CA LEU B 99 3.63 5.64 -0.48
C LEU B 99 4.47 6.69 0.24
N ARG B 100 4.79 6.46 1.51
CA ARG B 100 5.63 7.41 2.26
C ARG B 100 6.20 6.79 3.53
N TYR B 101 7.10 7.54 4.18
CA TYR B 101 7.61 7.14 5.46
C TYR B 101 7.12 8.14 6.48
N ARG B 102 7.10 7.71 7.74
CA ARG B 102 6.75 8.54 8.85
C ARG B 102 7.68 8.17 10.03
N SER B 103 8.03 9.16 10.83
CA SER B 103 9.02 9.01 11.91
C SER B 103 8.44 8.35 13.13
N VAL B 104 9.29 7.65 13.85
CA VAL B 104 8.97 7.13 15.17
C VAL B 104 10.16 7.43 16.08
N ARG B 105 9.86 7.98 17.25
CA ARG B 105 10.84 8.29 18.28
C ARG B 105 11.11 7.04 19.10
N GLU B 106 12.36 6.68 19.24
CA GLU B 106 12.77 5.63 20.15
C GLU B 106 13.71 6.26 21.17
N VAL B 107 13.46 6.00 22.46
CA VAL B 107 14.36 6.45 23.52
C VAL B 107 15.25 5.25 23.85
N TRP B 108 16.57 5.44 23.78
CA TRP B 108 17.54 4.38 24.06
C TRP B 108 18.46 4.77 25.21
N GLN B 109 18.88 3.78 25.99
CA GLN B 109 20.06 3.87 26.86
C GLN B 109 20.92 2.59 26.84
N SER B 110 20.52 1.61 26.00
CA SER B 110 21.17 0.28 25.92
C SER B 110 22.34 0.17 24.93
N LEU B 111 23.21 -0.79 25.22
CA LEU B 111 24.48 -0.98 24.51
C LEU B 111 24.29 -1.81 23.21
N SER B 127 19.24 9.05 28.94
CA SER B 127 18.30 8.94 27.83
C SER B 127 18.96 9.40 26.52
N LEU B 128 18.31 9.07 25.41
CA LEU B 128 18.84 9.35 24.10
C LEU B 128 17.75 9.17 23.05
N SER B 129 17.21 10.28 22.55
CA SER B 129 16.10 10.24 21.57
C SER B 129 16.64 9.97 20.16
N VAL B 130 16.12 8.92 19.54
CA VAL B 130 16.54 8.46 18.21
C VAL B 130 15.33 8.25 17.32
N LEU B 131 15.39 8.78 16.11
CA LEU B 131 14.29 8.72 15.16
C LEU B 131 14.55 7.70 14.08
N LYS B 132 13.49 7.01 13.65
CA LYS B 132 13.56 6.04 12.56
C LYS B 132 12.32 6.18 11.70
N ASN B 133 12.45 5.84 10.41
CA ASN B 133 11.33 5.92 9.50
C ASN B 133 10.56 4.59 9.41
N VAL B 134 9.25 4.68 9.39
CA VAL B 134 8.37 3.52 9.33
C VAL B 134 7.54 3.67 8.05
N PRO B 135 7.37 2.59 7.29
CA PRO B 135 6.62 2.74 6.02
C PRO B 135 5.14 3.03 6.29
N GLY B 136 4.51 3.70 5.35
CA GLY B 136 3.10 3.99 5.43
C GLY B 136 2.52 4.32 4.06
N LEU B 137 1.25 4.69 4.04
CA LEU B 137 0.62 5.10 2.79
C LEU B 137 -0.59 5.94 3.07
N ALA B 138 -1.06 6.60 2.02
CA ALA B 138 -2.32 7.36 2.05
C ALA B 138 -3.09 7.01 0.82
N ILE B 139 -4.37 6.73 0.92
CA ILE B 139 -5.18 6.34 -0.21
C ILE B 139 -6.35 7.30 -0.42
N LEU B 140 -6.43 7.84 -1.63
CA LEU B 140 -7.57 8.69 -1.98
C LEU B 140 -8.62 7.85 -2.74
N LEU B 141 -9.87 7.98 -2.34
CA LEU B 141 -10.99 7.42 -3.12
C LEU B 141 -11.98 8.51 -3.48
N SER B 142 -12.29 8.67 -4.77
CA SER B 142 -13.21 9.74 -5.19
C SER B 142 -14.29 9.32 -6.18
N LYS B 143 -15.43 9.98 -6.04
CA LYS B 143 -16.55 9.75 -6.96
C LYS B 143 -16.26 10.30 -8.34
N ASP B 144 -15.45 11.37 -8.38
CA ASP B 144 -15.14 12.10 -9.61
C ASP B 144 -13.83 11.62 -10.23
N ALA B 145 -13.76 11.73 -11.54
CA ALA B 145 -12.64 11.22 -12.30
C ALA B 145 -11.34 11.85 -11.83
N LEU B 146 -10.29 11.05 -11.76
CA LEU B 146 -8.91 11.52 -11.47
C LEU B 146 -8.01 11.27 -12.68
N ASP B 147 -6.91 11.99 -12.79
CA ASP B 147 -6.01 11.84 -13.95
C ASP B 147 -5.51 10.40 -13.92
N PRO B 148 -5.89 9.57 -14.90
CA PRO B 148 -5.46 8.16 -14.92
C PRO B 148 -3.98 7.87 -15.20
N ARG B 149 -3.19 8.89 -15.52
CA ARG B 149 -1.83 8.67 -15.94
C ARG B 149 -0.88 8.94 -14.78
N GLN B 150 -1.39 9.49 -13.67
CA GLN B 150 -0.55 9.86 -12.52
C GLN B 150 -0.14 8.65 -11.65
N PRO B 151 0.94 8.78 -10.88
CA PRO B 151 1.44 7.60 -10.22
C PRO B 151 0.49 7.18 -9.11
N GLY B 152 0.21 5.87 -9.06
CA GLY B 152 -0.62 5.28 -8.02
C GLY B 152 -2.07 5.21 -8.34
N TYR B 153 -2.42 5.60 -9.56
CA TYR B 153 -3.82 5.57 -9.99
C TYR B 153 -4.27 4.15 -10.28
N GLN B 154 -5.53 3.94 -9.97
CA GLN B 154 -6.20 2.65 -10.17
C GLN B 154 -7.64 2.97 -10.59
N PRO B 155 -8.13 2.40 -11.70
CA PRO B 155 -9.52 2.71 -12.11
C PRO B 155 -10.57 2.01 -11.28
N PRO B 156 -11.82 2.49 -11.29
CA PRO B 156 -12.93 1.78 -10.65
C PRO B 156 -13.09 0.33 -11.11
N ASN B 157 -13.41 -0.54 -10.16
CA ASN B 157 -13.67 -1.95 -10.42
C ASN B 157 -15.03 -2.10 -11.11
N PRO B 158 -15.14 -3.09 -12.01
CA PRO B 158 -16.42 -3.36 -12.66
C PRO B 158 -17.38 -4.10 -11.72
N HIS B 159 -18.61 -3.60 -11.58
CA HIS B 159 -19.58 -4.24 -10.69
C HIS B 159 -19.95 -5.68 -11.11
C FMT C . 9.50 -3.43 6.90
O1 FMT C . 10.50 -3.79 6.28
O2 FMT C . 9.11 -4.19 7.93
C FMT D . -10.91 -3.95 14.39
O1 FMT D . -10.19 -4.61 13.67
O2 FMT D . -12.13 -3.58 13.94
S SO4 E . -0.09 13.57 6.75
O1 SO4 E . 1.17 13.22 7.45
O2 SO4 E . -0.74 14.70 7.43
O3 SO4 E . 0.17 13.94 5.34
O4 SO4 E . -1.02 12.41 6.79
S SO4 F . 0.67 13.91 0.00
O1 SO4 F . 1.36 12.62 -0.26
O2 SO4 F . 0.65 14.17 1.47
O3 SO4 F . 1.41 15.00 -0.68
O4 SO4 F . -0.73 13.86 -0.53
#